data_9GJV
#
_entry.id   9GJV
#
_cell.length_a   41.766
_cell.length_b   58.618
_cell.length_c   158.839
_cell.angle_alpha   90.00
_cell.angle_beta   90.00
_cell.angle_gamma   90.00
#
_symmetry.space_group_name_H-M   'P 21 21 21'
#
loop_
_entity.id
_entity.type
_entity.pdbx_description
1 polymer 'FAB 9C5 heavy chain'
2 polymer 'FAB 9C5 light chain'
3 water water
#
loop_
_entity_poly.entity_id
_entity_poly.type
_entity_poly.pdbx_seq_one_letter_code
_entity_poly.pdbx_strand_id
1 'polypeptide(L)'
;QVQLQQSGAELVKPGASVKLSCTATGFNIKDTYMHWVKQRPEQGLEWIGRIDPANGNTKYDPKFQGKATLTADTSSNTAY
LQLSSLTSEDTAVYYCARKRYSMDYWGQGTSVTVSSAKTTPPSVYPLAPGSGAQTNSMVTLGCLVKGYFPEPVTVTWNSG
SLSSGVHTFPAVLQSDLYTLSSSVTVPSSTWPSETVTCNVAHPASSTKVDKKIVPRDC
;
H
2 'polypeptide(L)'
;SIVMTQTPKFLLVSAGERVTITCKASQSVSNDVGWYQQKPGQPPKLLIYNASNRKNGVPDRFTGSGYGTDFTFTISTVQA
EDLAVYFCQQDHSFPLKFGAGTKLELKRADAAPTVSIFPPSSEQLTSGGASVVCFLNNFYPKDINVKWKIDGSERQNGVL
NSWTDQDSKDSTYSMSSTLTLTKDEYERHNSYTCEATHKTSTSPIVKSFNRNEC
;
L
#
# COMPACT_ATOMS: atom_id res chain seq x y z
N GLN A 1 -16.07 -10.03 -19.78
CA GLN A 1 -15.24 -10.65 -20.81
C GLN A 1 -14.08 -9.73 -21.17
N VAL A 2 -14.14 -8.50 -20.69
CA VAL A 2 -13.12 -7.49 -20.99
C VAL A 2 -12.16 -7.40 -19.81
N GLN A 3 -10.90 -7.75 -20.06
CA GLN A 3 -9.86 -7.68 -19.04
C GLN A 3 -8.55 -7.24 -19.69
N LEU A 4 -7.71 -6.57 -18.90
CA LEU A 4 -6.41 -6.11 -19.34
C LEU A 4 -5.35 -6.81 -18.51
N GLN A 5 -4.52 -7.63 -19.16
CA GLN A 5 -3.47 -8.39 -18.50
C GLN A 5 -2.14 -7.67 -18.69
N GLN A 6 -1.53 -7.25 -17.58
CA GLN A 6 -0.25 -6.56 -17.61
C GLN A 6 0.88 -7.52 -17.23
N SER A 7 2.09 -7.12 -17.60
CA SER A 7 3.28 -7.93 -17.37
C SER A 7 3.70 -7.87 -15.90
N GLY A 8 4.72 -8.66 -15.56
CA GLY A 8 5.18 -8.74 -14.19
C GLY A 8 6.09 -7.59 -13.78
N ALA A 9 6.39 -7.54 -12.49
CA ALA A 9 7.20 -6.46 -11.94
C ALA A 9 8.63 -6.53 -12.46
N GLU A 10 9.28 -5.36 -12.51
CA GLU A 10 10.62 -5.23 -13.06
C GLU A 10 11.49 -4.43 -12.10
N LEU A 11 12.72 -4.91 -11.88
CA LEU A 11 13.75 -4.15 -11.20
C LEU A 11 14.90 -3.93 -12.18
N VAL A 12 15.24 -2.67 -12.41
CA VAL A 12 16.24 -2.30 -13.40
C VAL A 12 17.23 -1.31 -12.78
N LYS A 13 18.48 -1.40 -13.23
CA LYS A 13 19.48 -0.44 -12.81
C LYS A 13 19.23 0.90 -13.50
N PRO A 14 19.65 2.00 -12.88
CA PRO A 14 19.45 3.32 -13.51
C PRO A 14 20.16 3.41 -14.85
N GLY A 15 19.49 4.06 -15.81
CA GLY A 15 19.98 4.16 -17.16
C GLY A 15 19.55 3.04 -18.08
N ALA A 16 18.83 2.04 -17.57
CA ALA A 16 18.42 0.88 -18.37
C ALA A 16 17.08 1.17 -19.06
N SER A 17 16.54 0.16 -19.73
CA SER A 17 15.29 0.28 -20.45
CA SER A 17 15.28 0.28 -20.46
C SER A 17 14.36 -0.86 -20.05
N VAL A 18 13.06 -0.59 -20.10
CA VAL A 18 12.04 -1.58 -19.75
C VAL A 18 10.90 -1.48 -20.75
N LYS A 19 10.27 -2.63 -21.01
CA LYS A 19 9.11 -2.72 -21.88
C LYS A 19 8.02 -3.49 -21.16
N LEU A 20 6.83 -2.90 -21.08
CA LEU A 20 5.69 -3.49 -20.39
C LEU A 20 4.61 -3.87 -21.40
N SER A 21 3.94 -4.99 -21.16
CA SER A 21 2.95 -5.53 -22.07
C SER A 21 1.57 -5.49 -21.43
N CYS A 22 0.57 -5.05 -22.21
CA CYS A 22 -0.81 -4.97 -21.78
C CYS A 22 -1.66 -5.77 -22.77
N THR A 23 -1.92 -7.03 -22.44
CA THR A 23 -2.69 -7.91 -23.31
C THR A 23 -4.18 -7.78 -23.02
N ALA A 24 -4.97 -7.55 -24.05
CA ALA A 24 -6.39 -7.31 -23.91
C ALA A 24 -7.20 -8.53 -24.33
N THR A 25 -8.45 -8.56 -23.87
CA THR A 25 -9.39 -9.64 -24.19
C THR A 25 -10.80 -9.07 -24.12
N GLY A 26 -11.67 -9.54 -25.01
CA GLY A 26 -13.05 -9.11 -25.05
C GLY A 26 -13.30 -7.83 -25.82
N PHE A 27 -12.28 -7.26 -26.45
CA PHE A 27 -12.45 -6.06 -27.25
C PHE A 27 -11.21 -5.90 -28.11
N ASN A 28 -11.42 -5.70 -29.41
CA ASN A 28 -10.30 -5.44 -30.32
C ASN A 28 -9.69 -4.09 -29.98
N ILE A 29 -8.35 -4.04 -30.04
CA ILE A 29 -7.61 -2.88 -29.58
C ILE A 29 -7.80 -1.67 -30.50
N LYS A 30 -8.13 -1.88 -31.77
CA LYS A 30 -8.19 -0.80 -32.74
C LYS A 30 -9.49 0.00 -32.68
N ASP A 31 -10.52 -0.50 -31.99
CA ASP A 31 -11.76 0.22 -31.83
C ASP A 31 -11.79 1.09 -30.58
N THR A 32 -10.67 1.18 -29.86
CA THR A 32 -10.58 1.97 -28.65
C THR A 32 -9.19 2.60 -28.56
N TYR A 33 -9.06 3.60 -27.69
CA TYR A 33 -7.79 4.21 -27.40
C TYR A 33 -7.20 3.59 -26.14
N MET A 34 -5.95 3.15 -26.22
CA MET A 34 -5.24 2.60 -25.08
C MET A 34 -4.42 3.69 -24.41
N HIS A 35 -4.58 3.84 -23.11
CA HIS A 35 -3.90 4.86 -22.34
C HIS A 35 -3.01 4.20 -21.29
N TRP A 36 -1.92 4.87 -20.94
CA TRP A 36 -1.00 4.41 -19.91
C TRP A 36 -0.86 5.49 -18.85
N VAL A 37 -0.93 5.08 -17.58
CA VAL A 37 -0.95 6.00 -16.45
C VAL A 37 0.15 5.59 -15.47
N LYS A 38 0.87 6.58 -14.96
CA LYS A 38 1.95 6.37 -14.01
C LYS A 38 1.53 6.86 -12.63
N GLN A 39 1.83 6.07 -11.60
CA GLN A 39 1.51 6.43 -10.22
C GLN A 39 2.71 6.14 -9.34
N ARG A 40 3.40 7.19 -8.90
CA ARG A 40 4.49 7.02 -7.94
C ARG A 40 3.93 6.63 -6.57
N PRO A 41 4.72 5.90 -5.78
CA PRO A 41 4.20 5.42 -4.48
C PRO A 41 3.78 6.58 -3.59
N GLU A 42 2.61 6.40 -2.96
CA GLU A 42 2.02 7.41 -2.07
C GLU A 42 1.77 8.73 -2.80
N GLN A 43 1.57 8.66 -4.12
CA GLN A 43 1.36 9.87 -4.92
C GLN A 43 0.11 9.72 -5.77
N GLY A 44 -0.13 10.67 -6.67
CA GLY A 44 -1.29 10.64 -7.54
C GLY A 44 -1.02 9.95 -8.86
N LEU A 45 -2.02 10.03 -9.74
CA LEU A 45 -1.96 9.42 -11.06
C LEU A 45 -1.50 10.44 -12.08
N GLU A 46 -0.59 10.01 -12.97
CA GLU A 46 -0.04 10.86 -14.01
C GLU A 46 -0.32 10.22 -15.36
N TRP A 47 -1.02 10.94 -16.23
CA TRP A 47 -1.28 10.45 -17.57
C TRP A 47 0.00 10.51 -18.40
N ILE A 48 0.47 9.35 -18.86
CA ILE A 48 1.68 9.32 -19.68
C ILE A 48 1.36 9.70 -21.11
N GLY A 49 0.52 8.92 -21.76
CA GLY A 49 0.18 9.16 -23.16
C GLY A 49 -0.91 8.22 -23.60
N ARG A 50 -1.37 8.45 -24.83
CA ARG A 50 -2.41 7.63 -25.45
C ARG A 50 -1.92 7.15 -26.80
N ILE A 51 -2.25 5.90 -27.12
CA ILE A 51 -1.89 5.29 -28.39
C ILE A 51 -3.17 4.98 -29.17
N ASP A 52 -3.16 5.30 -30.45
CA ASP A 52 -4.23 4.90 -31.36
C ASP A 52 -3.78 3.66 -32.10
N PRO A 53 -4.20 2.46 -31.68
CA PRO A 53 -3.65 1.24 -32.30
C PRO A 53 -3.95 1.09 -33.77
N ALA A 54 -5.00 1.74 -34.28
CA ALA A 54 -5.35 1.59 -35.69
C ALA A 54 -4.27 2.19 -36.60
N ASN A 55 -3.83 3.41 -36.30
CA ASN A 55 -2.85 4.10 -37.13
C ASN A 55 -1.52 4.34 -36.43
N GLY A 56 -1.44 4.22 -35.12
CA GLY A 56 -0.21 4.47 -34.40
C GLY A 56 -0.03 5.87 -33.87
N ASN A 57 -1.08 6.69 -33.89
CA ASN A 57 -0.98 8.05 -33.40
C ASN A 57 -0.71 8.04 -31.90
N THR A 58 0.32 8.78 -31.48
CA THR A 58 0.74 8.84 -30.10
C THR A 58 0.75 10.29 -29.63
N LYS A 59 0.12 10.56 -28.49
CA LYS A 59 0.15 11.86 -27.85
C LYS A 59 0.61 11.67 -26.42
N TYR A 60 1.67 12.37 -26.03
CA TYR A 60 2.26 12.24 -24.70
C TYR A 60 2.16 13.56 -23.95
N ASP A 61 2.04 13.47 -22.64
CA ASP A 61 2.26 14.64 -21.81
C ASP A 61 3.69 15.12 -22.00
N PRO A 62 3.92 16.43 -22.12
CA PRO A 62 5.27 16.91 -22.46
C PRO A 62 6.37 16.46 -21.51
N LYS A 63 6.03 15.92 -20.35
CA LYS A 63 7.03 15.38 -19.43
C LYS A 63 7.47 13.97 -19.78
N PHE A 64 6.76 13.28 -20.67
CA PHE A 64 7.04 11.88 -21.01
C PHE A 64 7.44 11.70 -22.46
N GLN A 65 7.97 12.74 -23.11
CA GLN A 65 8.25 12.68 -24.54
C GLN A 65 9.28 11.60 -24.86
N GLY A 66 10.49 11.75 -24.32
CA GLY A 66 11.55 10.79 -24.62
C GLY A 66 11.54 9.54 -23.76
N LYS A 67 11.12 9.67 -22.50
CA LYS A 67 11.18 8.54 -21.58
C LYS A 67 10.22 7.44 -21.99
N ALA A 68 9.03 7.78 -22.48
CA ALA A 68 7.98 6.83 -22.76
C ALA A 68 7.74 6.75 -24.26
N THR A 69 7.75 5.53 -24.81
CA THR A 69 7.38 5.27 -26.19
C THR A 69 6.29 4.22 -26.20
N LEU A 70 5.14 4.56 -26.76
CA LEU A 70 3.98 3.68 -26.79
C LEU A 70 3.88 3.01 -28.16
N THR A 71 3.87 1.68 -28.17
CA THR A 71 3.74 0.90 -29.39
C THR A 71 2.64 -0.14 -29.21
N ALA A 72 1.88 -0.38 -30.26
CA ALA A 72 0.75 -1.29 -30.22
C ALA A 72 0.86 -2.32 -31.33
N ASP A 73 0.34 -3.52 -31.05
CA ASP A 73 0.29 -4.61 -32.03
C ASP A 73 -1.14 -5.13 -32.05
N THR A 74 -1.88 -4.79 -33.10
CA THR A 74 -3.28 -5.19 -33.20
C THR A 74 -3.41 -6.70 -33.35
N SER A 75 -2.40 -7.37 -33.91
CA SER A 75 -2.49 -8.82 -34.11
C SER A 75 -2.64 -9.54 -32.79
N SER A 76 -1.88 -9.13 -31.77
N SER A 76 -1.88 -9.13 -31.77
CA SER A 76 -1.95 -9.74 -30.44
CA SER A 76 -1.95 -9.75 -30.45
C SER A 76 -2.90 -8.99 -29.51
C SER A 76 -2.92 -9.03 -29.53
N ASN A 77 -3.52 -7.91 -29.96
CA ASN A 77 -4.38 -7.07 -29.13
C ASN A 77 -3.64 -6.61 -27.88
N THR A 78 -2.34 -6.36 -28.02
N THR A 78 -2.34 -6.37 -28.02
CA THR A 78 -1.47 -6.04 -26.89
CA THR A 78 -1.45 -6.04 -26.91
C THR A 78 -0.87 -4.66 -27.07
C THR A 78 -0.91 -4.64 -27.09
N ALA A 79 -0.98 -3.83 -26.03
CA ALA A 79 -0.39 -2.50 -26.01
C ALA A 79 0.88 -2.52 -25.18
N TYR A 80 1.88 -1.75 -25.60
CA TYR A 80 3.18 -1.77 -24.97
C TYR A 80 3.59 -0.37 -24.55
N LEU A 81 4.20 -0.26 -23.37
CA LEU A 81 4.84 0.96 -22.90
C LEU A 81 6.31 0.66 -22.68
N GLN A 82 7.19 1.36 -23.40
CA GLN A 82 8.62 1.22 -23.25
C GLN A 82 9.17 2.41 -22.50
N LEU A 83 9.90 2.14 -21.41
CA LEU A 83 10.47 3.18 -20.57
C LEU A 83 11.99 3.06 -20.62
N SER A 84 12.65 4.09 -21.13
CA SER A 84 14.09 4.12 -21.28
C SER A 84 14.67 5.30 -20.50
N SER A 85 16.01 5.34 -20.44
CA SER A 85 16.73 6.37 -19.69
C SER A 85 16.25 6.41 -18.24
N LEU A 86 16.04 5.23 -17.67
CA LEU A 86 15.32 5.11 -16.41
C LEU A 86 16.14 5.66 -15.25
N THR A 87 15.50 6.49 -14.43
CA THR A 87 16.06 7.03 -13.20
C THR A 87 15.14 6.67 -12.03
N SER A 88 15.52 7.13 -10.84
CA SER A 88 14.73 6.82 -9.65
C SER A 88 13.35 7.47 -9.71
N GLU A 89 13.21 8.58 -10.45
CA GLU A 89 11.92 9.23 -10.58
C GLU A 89 10.93 8.39 -11.38
N ASP A 90 11.42 7.40 -12.13
CA ASP A 90 10.55 6.49 -12.88
C ASP A 90 10.08 5.32 -12.04
N THR A 91 10.52 5.21 -10.79
CA THR A 91 10.04 4.17 -9.89
C THR A 91 8.58 4.43 -9.59
N ALA A 92 7.69 3.60 -10.14
CA ALA A 92 6.26 3.78 -9.99
C ALA A 92 5.55 2.52 -10.46
N VAL A 93 4.23 2.50 -10.26
CA VAL A 93 3.36 1.49 -10.83
C VAL A 93 2.77 2.06 -12.12
N TYR A 94 2.81 1.28 -13.19
CA TYR A 94 2.34 1.72 -14.49
C TYR A 94 1.11 0.91 -14.89
N TYR A 95 0.01 1.62 -15.16
CA TYR A 95 -1.26 1.01 -15.53
C TYR A 95 -1.50 1.20 -17.03
N CYS A 96 -2.29 0.30 -17.60
CA CYS A 96 -2.80 0.46 -18.96
C CYS A 96 -4.32 0.48 -18.91
N ALA A 97 -4.92 1.36 -19.70
CA ALA A 97 -6.36 1.54 -19.70
C ALA A 97 -6.87 1.67 -21.12
N ARG A 98 -8.12 1.26 -21.33
CA ARG A 98 -8.80 1.37 -22.61
C ARG A 98 -9.89 2.42 -22.51
N LYS A 99 -9.90 3.37 -23.43
CA LYS A 99 -10.87 4.45 -23.41
C LYS A 99 -11.55 4.58 -24.78
N ARG A 100 -12.88 4.56 -24.77
CA ARG A 100 -13.66 4.69 -26.00
C ARG A 100 -15.07 5.10 -25.62
N TYR A 101 -15.55 6.21 -26.18
CA TYR A 101 -16.87 6.75 -25.84
C TYR A 101 -16.98 7.02 -24.34
N SER A 102 -15.94 7.64 -23.78
N SER A 102 -15.94 7.64 -23.78
CA SER A 102 -15.90 8.02 -22.37
CA SER A 102 -15.89 8.01 -22.37
C SER A 102 -16.03 6.80 -21.45
C SER A 102 -16.03 6.80 -21.45
N MET A 103 -15.58 5.64 -21.91
CA MET A 103 -15.61 4.41 -21.14
C MET A 103 -14.18 4.03 -20.77
N ASP A 104 -14.03 3.38 -19.62
CA ASP A 104 -12.70 3.07 -19.11
C ASP A 104 -12.66 1.71 -18.44
N TYR A 105 -11.55 1.00 -18.65
CA TYR A 105 -11.25 -0.24 -17.97
C TYR A 105 -9.74 -0.32 -17.78
N TRP A 106 -9.32 -0.73 -16.58
CA TRP A 106 -7.92 -0.64 -16.17
C TRP A 106 -7.34 -2.02 -15.90
N GLY A 107 -6.03 -2.15 -16.15
CA GLY A 107 -5.30 -3.35 -15.81
C GLY A 107 -4.85 -3.34 -14.36
N GLN A 108 -4.17 -4.43 -13.97
CA GLN A 108 -3.76 -4.57 -12.59
C GLN A 108 -2.59 -3.64 -12.25
N GLY A 109 -1.79 -3.28 -13.23
CA GLY A 109 -0.64 -2.42 -12.99
C GLY A 109 0.65 -3.21 -12.89
N THR A 110 1.74 -2.58 -13.32
CA THR A 110 3.07 -3.18 -13.31
C THR A 110 4.01 -2.27 -12.55
N SER A 111 4.74 -2.84 -11.58
CA SER A 111 5.65 -2.08 -10.75
C SER A 111 7.06 -2.13 -11.34
N VAL A 112 7.63 -0.96 -11.57
CA VAL A 112 9.01 -0.83 -12.05
C VAL A 112 9.81 -0.11 -10.97
N THR A 113 10.92 -0.72 -10.54
CA THR A 113 11.80 -0.14 -9.54
C THR A 113 13.16 0.09 -10.19
N VAL A 114 13.68 1.31 -10.04
CA VAL A 114 14.94 1.71 -10.65
C VAL A 114 15.90 2.05 -9.52
N SER A 115 16.97 1.27 -9.38
CA SER A 115 17.94 1.50 -8.32
C SER A 115 19.22 0.75 -8.63
N SER A 116 20.34 1.30 -8.15
N SER A 116 20.34 1.30 -8.14
CA SER A 116 21.62 0.61 -8.24
CA SER A 116 21.62 0.63 -8.22
C SER A 116 21.82 -0.40 -7.13
C SER A 116 21.81 -0.42 -7.14
N ALA A 117 20.97 -0.40 -6.12
CA ALA A 117 21.07 -1.37 -5.04
C ALA A 117 20.75 -2.78 -5.55
N LYS A 118 21.48 -3.76 -5.04
CA LYS A 118 21.32 -5.14 -5.49
C LYS A 118 20.09 -5.78 -4.86
N THR A 119 19.56 -6.79 -5.53
N THR A 119 19.57 -6.79 -5.52
CA THR A 119 18.47 -7.58 -4.98
CA THR A 119 18.44 -7.55 -4.98
C THR A 119 18.93 -8.27 -3.71
C THR A 119 18.89 -8.31 -3.73
N THR A 120 18.14 -8.16 -2.64
CA THR A 120 18.49 -8.76 -1.36
C THR A 120 17.30 -9.57 -0.86
N PRO A 121 17.46 -10.88 -0.67
CA PRO A 121 16.36 -11.67 -0.11
C PRO A 121 16.11 -11.28 1.33
N PRO A 122 14.88 -11.40 1.81
CA PRO A 122 14.58 -11.05 3.20
C PRO A 122 15.01 -12.13 4.18
N SER A 123 15.17 -11.71 5.43
CA SER A 123 15.31 -12.62 6.55
C SER A 123 14.00 -12.63 7.32
N VAL A 124 13.42 -13.82 7.50
CA VAL A 124 12.12 -13.97 8.13
C VAL A 124 12.34 -14.50 9.55
N TYR A 125 11.92 -13.71 10.54
CA TYR A 125 12.12 -14.03 11.94
C TYR A 125 10.78 -14.26 12.62
N PRO A 126 10.50 -15.46 13.14
CA PRO A 126 9.26 -15.66 13.89
C PRO A 126 9.27 -14.87 15.19
N LEU A 127 8.12 -14.30 15.53
CA LEU A 127 7.96 -13.48 16.73
C LEU A 127 6.95 -14.15 17.64
N ALA A 128 7.42 -15.04 18.49
CA ALA A 128 6.58 -15.64 19.51
C ALA A 128 6.44 -14.68 20.70
N PRO A 129 5.36 -14.78 21.46
CA PRO A 129 5.22 -13.93 22.65
C PRO A 129 6.28 -14.26 23.68
N GLY A 130 6.47 -13.33 24.62
CA GLY A 130 7.46 -13.54 25.66
C GLY A 130 7.18 -14.78 26.47
N SER A 131 8.23 -15.32 27.08
CA SER A 131 8.09 -16.55 27.86
C SER A 131 7.14 -16.33 29.03
N GLY A 132 7.19 -15.16 29.65
CA GLY A 132 6.29 -14.84 30.74
C GLY A 132 5.19 -13.88 30.32
N ALA A 133 4.74 -13.99 29.07
CA ALA A 133 3.71 -13.09 28.55
C ALA A 133 2.36 -13.40 29.19
N GLN A 134 1.50 -12.39 29.22
CA GLN A 134 0.19 -12.54 29.81
C GLN A 134 -0.68 -13.48 28.98
N THR A 135 -1.50 -14.27 29.66
CA THR A 135 -2.43 -15.20 29.02
C THR A 135 -3.83 -14.62 29.07
N ASN A 136 -4.49 -14.58 27.92
CA ASN A 136 -5.83 -14.00 27.79
C ASN A 136 -6.65 -14.90 26.88
N SER A 137 -7.82 -14.40 26.46
CA SER A 137 -8.64 -15.14 25.52
C SER A 137 -7.97 -15.23 24.15
N MET A 138 -7.32 -14.14 23.73
CA MET A 138 -6.64 -14.07 22.44
C MET A 138 -5.15 -13.90 22.66
N VAL A 139 -4.36 -14.42 21.71
CA VAL A 139 -2.91 -14.28 21.73
C VAL A 139 -2.46 -13.73 20.38
N THR A 140 -1.57 -12.75 20.41
CA THR A 140 -1.08 -12.09 19.21
C THR A 140 0.32 -12.62 18.88
N LEU A 141 0.51 -13.03 17.64
CA LEU A 141 1.79 -13.52 17.14
C LEU A 141 2.27 -12.59 16.04
N GLY A 142 3.60 -12.53 15.88
CA GLY A 142 4.20 -11.62 14.94
C GLY A 142 5.14 -12.33 13.97
N CYS A 143 5.57 -11.57 12.96
CA CYS A 143 6.50 -12.07 11.96
C CYS A 143 7.28 -10.88 11.42
N LEU A 144 8.60 -10.97 11.44
CA LEU A 144 9.47 -9.87 11.04
C LEU A 144 10.18 -10.22 9.74
N VAL A 145 10.06 -9.33 8.75
CA VAL A 145 10.64 -9.51 7.43
C VAL A 145 11.61 -8.34 7.23
N LYS A 146 12.90 -8.61 7.34
CA LYS A 146 13.91 -7.57 7.47
C LYS A 146 14.98 -7.72 6.39
N GLY A 147 15.51 -6.58 5.96
CA GLY A 147 16.66 -6.54 5.07
C GLY A 147 16.43 -7.11 3.68
N TYR A 148 15.39 -6.64 3.00
CA TYR A 148 15.11 -7.07 1.63
C TYR A 148 15.01 -5.87 0.71
N PHE A 149 15.29 -6.12 -0.57
CA PHE A 149 15.13 -5.13 -1.63
C PHE A 149 14.97 -5.87 -2.95
N PRO A 150 14.08 -5.43 -3.82
CA PRO A 150 13.14 -4.31 -3.67
C PRO A 150 11.80 -4.74 -3.10
N GLU A 151 10.87 -3.79 -2.97
CA GLU A 151 9.48 -4.11 -2.74
C GLU A 151 8.90 -4.80 -3.96
N PRO A 152 7.85 -5.61 -3.79
CA PRO A 152 7.12 -5.91 -2.57
C PRO A 152 7.39 -7.31 -2.01
N VAL A 153 6.93 -7.55 -0.79
CA VAL A 153 6.84 -8.89 -0.24
C VAL A 153 5.39 -9.15 0.12
N THR A 154 5.02 -10.43 0.13
CA THR A 154 3.67 -10.85 0.47
CA THR A 154 3.67 -10.85 0.47
C THR A 154 3.73 -11.73 1.71
N VAL A 155 2.88 -11.45 2.68
CA VAL A 155 2.82 -12.20 3.93
C VAL A 155 1.44 -12.81 4.07
N THR A 156 1.40 -14.13 4.30
CA THR A 156 0.17 -14.84 4.60
C THR A 156 0.38 -15.66 5.86
N TRP A 157 -0.72 -16.02 6.52
CA TRP A 157 -0.69 -16.80 7.73
C TRP A 157 -1.42 -18.12 7.51
N ASN A 158 -0.72 -19.23 7.79
CA ASN A 158 -1.23 -20.58 7.59
C ASN A 158 -1.83 -20.74 6.19
N SER A 159 -1.12 -20.21 5.19
CA SER A 159 -1.50 -20.34 3.79
C SER A 159 -2.92 -19.84 3.55
N GLY A 160 -3.27 -18.73 4.19
CA GLY A 160 -4.58 -18.14 4.05
C GLY A 160 -5.63 -18.65 5.02
N SER A 161 -5.32 -19.66 5.83
N SER A 161 -5.33 -19.67 5.82
CA SER A 161 -6.28 -20.14 6.81
CA SER A 161 -6.29 -20.15 6.81
C SER A 161 -6.60 -19.07 7.84
C SER A 161 -6.61 -19.04 7.82
N LEU A 162 -5.57 -18.40 8.35
CA LEU A 162 -5.74 -17.30 9.29
C LEU A 162 -5.76 -16.00 8.51
N SER A 163 -6.89 -15.31 8.50
CA SER A 163 -7.02 -14.04 7.78
C SER A 163 -7.79 -12.97 8.53
N SER A 164 -8.63 -13.34 9.51
CA SER A 164 -9.50 -12.36 10.13
C SER A 164 -8.71 -11.35 10.96
N GLY A 165 -7.71 -11.82 11.71
CA GLY A 165 -7.01 -10.97 12.65
C GLY A 165 -5.58 -10.63 12.25
N VAL A 166 -5.37 -10.34 10.97
CA VAL A 166 -4.04 -10.10 10.44
C VAL A 166 -3.88 -8.61 10.16
N HIS A 167 -2.78 -8.04 10.66
CA HIS A 167 -2.36 -6.68 10.36
C HIS A 167 -0.94 -6.73 9.79
N THR A 168 -0.82 -6.56 8.49
CA THR A 168 0.48 -6.51 7.82
C THR A 168 0.86 -5.04 7.64
N PHE A 169 2.01 -4.68 8.15
CA PHE A 169 2.35 -3.26 8.18
C PHE A 169 3.19 -2.87 6.98
N PRO A 170 3.02 -1.64 6.49
CA PRO A 170 3.81 -1.18 5.35
C PRO A 170 5.30 -1.19 5.66
N ALA A 171 6.09 -1.50 4.63
CA ALA A 171 7.53 -1.59 4.80
C ALA A 171 8.16 -0.22 4.99
N VAL A 172 9.28 -0.21 5.72
CA VAL A 172 10.05 1.01 5.97
C VAL A 172 11.43 0.82 5.36
N LEU A 173 11.86 1.81 4.56
CA LEU A 173 13.16 1.75 3.89
C LEU A 173 14.23 2.34 4.79
N GLN A 174 15.34 1.62 4.91
CA GLN A 174 16.47 2.08 5.73
C GLN A 174 17.75 1.47 5.18
N SER A 175 18.71 2.32 4.84
CA SER A 175 20.01 1.88 4.31
CA SER A 175 20.01 1.88 4.31
C SER A 175 19.83 0.97 3.09
N ASP A 176 18.98 1.40 2.17
CA ASP A 176 18.68 0.69 0.92
C ASP A 176 18.09 -0.69 1.15
N LEU A 177 17.52 -0.94 2.33
CA LEU A 177 16.88 -2.21 2.64
C LEU A 177 15.53 -1.94 3.29
N TYR A 178 14.54 -2.75 2.92
CA TYR A 178 13.19 -2.64 3.47
C TYR A 178 13.00 -3.60 4.63
N THR A 179 12.16 -3.19 5.58
CA THR A 179 11.78 -4.02 6.70
C THR A 179 10.30 -3.82 6.98
N LEU A 180 9.56 -4.91 7.13
CA LEU A 180 8.16 -4.83 7.53
C LEU A 180 7.87 -5.92 8.55
N SER A 181 6.68 -5.81 9.14
CA SER A 181 6.23 -6.76 10.14
CA SER A 181 6.23 -6.76 10.14
C SER A 181 4.77 -7.10 9.88
N SER A 182 4.36 -8.27 10.38
CA SER A 182 2.98 -8.72 10.25
C SER A 182 2.57 -9.35 11.58
N SER A 183 1.34 -9.06 12.00
CA SER A 183 0.80 -9.58 13.25
C SER A 183 -0.49 -10.34 12.97
N VAL A 184 -0.70 -11.42 13.72
CA VAL A 184 -1.93 -12.19 13.67
C VAL A 184 -2.39 -12.45 15.09
N THR A 185 -3.69 -12.23 15.35
CA THR A 185 -4.27 -12.45 16.66
C THR A 185 -5.24 -13.62 16.58
N VAL A 186 -4.96 -14.66 17.36
CA VAL A 186 -5.76 -15.88 17.34
C VAL A 186 -6.21 -16.19 18.77
N PRO A 187 -7.31 -16.91 18.93
CA PRO A 187 -7.72 -17.33 20.27
C PRO A 187 -6.65 -18.16 20.93
N SER A 188 -6.46 -17.93 22.24
CA SER A 188 -5.41 -18.64 22.98
C SER A 188 -5.67 -20.14 23.09
N SER A 189 -6.90 -20.57 22.83
CA SER A 189 -7.20 -22.00 22.78
C SER A 189 -6.65 -22.66 21.53
N THR A 190 -6.15 -21.88 20.57
CA THR A 190 -5.67 -22.40 19.30
C THR A 190 -4.16 -22.27 19.12
N TRP A 191 -3.43 -21.80 20.12
CA TRP A 191 -1.98 -21.74 20.00
C TRP A 191 -1.36 -21.85 21.39
N PRO A 192 -0.36 -22.71 21.58
CA PRO A 192 0.34 -23.51 20.56
C PRO A 192 -0.34 -24.83 20.20
N SER A 193 -1.60 -25.04 20.60
CA SER A 193 -2.26 -26.31 20.30
C SER A 193 -2.36 -26.54 18.79
N GLU A 194 -2.73 -25.50 18.04
CA GLU A 194 -2.74 -25.56 16.59
C GLU A 194 -1.52 -24.83 16.03
N THR A 195 -1.19 -25.13 14.78
CA THR A 195 -0.02 -24.55 14.14
C THR A 195 -0.32 -23.15 13.62
N VAL A 196 0.65 -22.25 13.81
CA VAL A 196 0.63 -20.93 13.19
C VAL A 196 1.95 -20.76 12.46
N THR A 197 1.88 -20.51 11.15
CA THR A 197 3.06 -20.40 10.32
C THR A 197 3.01 -19.09 9.53
N CYS A 198 4.16 -18.43 9.44
CA CYS A 198 4.30 -17.20 8.66
C CYS A 198 4.82 -17.55 7.28
N ASN A 199 4.08 -17.17 6.24
CA ASN A 199 4.45 -17.43 4.86
C ASN A 199 4.83 -16.12 4.19
N VAL A 200 6.09 -16.00 3.78
CA VAL A 200 6.63 -14.77 3.21
C VAL A 200 7.14 -15.08 1.81
N ALA A 201 6.75 -14.25 0.84
CA ALA A 201 7.22 -14.36 -0.53
C ALA A 201 7.82 -13.03 -0.97
N HIS A 202 8.98 -13.10 -1.62
CA HIS A 202 9.64 -11.93 -2.18
C HIS A 202 9.94 -12.25 -3.64
N PRO A 203 9.01 -11.92 -4.55
CA PRO A 203 9.15 -12.37 -5.94
C PRO A 203 10.43 -11.90 -6.63
N ALA A 204 10.92 -10.71 -6.31
CA ALA A 204 12.08 -10.17 -7.01
C ALA A 204 13.33 -11.02 -6.79
N SER A 205 13.43 -11.67 -5.63
CA SER A 205 14.54 -12.57 -5.34
C SER A 205 14.14 -14.04 -5.45
N SER A 206 12.94 -14.33 -5.95
CA SER A 206 12.44 -15.70 -6.07
C SER A 206 12.53 -16.44 -4.74
N THR A 207 12.15 -15.77 -3.66
N THR A 207 12.13 -15.75 -3.68
CA THR A 207 12.27 -16.32 -2.32
CA THR A 207 12.22 -16.25 -2.31
C THR A 207 10.88 -16.55 -1.73
C THR A 207 10.81 -16.58 -1.79
N LYS A 208 10.66 -17.77 -1.25
CA LYS A 208 9.42 -18.16 -0.56
C LYS A 208 9.83 -18.85 0.72
N VAL A 209 9.49 -18.25 1.86
CA VAL A 209 9.93 -18.70 3.17
C VAL A 209 8.71 -18.94 4.04
N ASP A 210 8.66 -20.11 4.68
CA ASP A 210 7.64 -20.45 5.65
C ASP A 210 8.30 -20.59 7.02
N LYS A 211 7.81 -19.84 8.00
CA LYS A 211 8.38 -19.84 9.34
C LYS A 211 7.26 -20.06 10.35
N LYS A 212 7.24 -21.24 10.96
CA LYS A 212 6.24 -21.56 11.97
C LYS A 212 6.54 -20.81 13.26
N ILE A 213 5.49 -20.36 13.93
CA ILE A 213 5.63 -19.63 15.19
C ILE A 213 5.70 -20.67 16.30
N VAL A 214 6.91 -20.96 16.75
CA VAL A 214 7.13 -21.95 17.81
C VAL A 214 7.26 -21.21 19.13
N PRO A 215 6.64 -21.71 20.20
CA PRO A 215 6.79 -21.05 21.51
C PRO A 215 8.24 -21.00 21.94
N ARG A 216 8.60 -19.91 22.61
CA ARG A 216 9.99 -19.70 23.01
C ARG A 216 10.43 -20.80 23.96
N ASP A 217 11.60 -21.38 23.69
CA ASP A 217 12.17 -22.44 24.50
C ASP A 217 13.43 -21.92 25.17
N CYS A 218 13.50 -22.07 26.49
CA CYS A 218 14.58 -21.49 27.28
C CYS A 218 15.61 -22.54 27.68
N SER B 1 -2.86 21.82 -21.61
CA SER B 1 -2.46 22.05 -20.23
C SER B 1 -3.62 22.56 -19.38
N ILE B 2 -4.77 21.91 -19.49
CA ILE B 2 -5.91 22.22 -18.63
C ILE B 2 -5.71 21.45 -17.33
N VAL B 3 -5.44 22.18 -16.25
CA VAL B 3 -5.07 21.59 -14.97
C VAL B 3 -6.30 21.47 -14.09
N MET B 4 -6.45 20.32 -13.45
CA MET B 4 -7.55 20.05 -12.54
C MET B 4 -7.05 20.17 -11.11
N THR B 5 -7.61 21.13 -10.37
CA THR B 5 -7.27 21.34 -8.96
C THR B 5 -8.37 20.72 -8.10
N GLN B 6 -8.00 19.73 -7.30
CA GLN B 6 -8.95 18.95 -6.52
C GLN B 6 -8.78 19.25 -5.03
N THR B 7 -9.89 19.56 -4.37
CA THR B 7 -9.91 19.80 -2.93
C THR B 7 -11.08 19.04 -2.32
N PRO B 8 -10.94 18.55 -1.07
CA PRO B 8 -9.75 18.60 -0.22
C PRO B 8 -8.77 17.46 -0.51
N LYS B 9 -7.54 17.53 0.00
CA LYS B 9 -6.64 16.39 -0.10
C LYS B 9 -7.04 15.30 0.88
N PHE B 10 -7.41 15.69 2.11
CA PHE B 10 -7.86 14.75 3.13
C PHE B 10 -9.24 15.17 3.61
N LEU B 11 -10.16 14.21 3.64
CA LEU B 11 -11.56 14.48 3.98
C LEU B 11 -11.93 13.63 5.19
N LEU B 12 -11.81 14.23 6.38
CA LEU B 12 -12.21 13.56 7.62
C LEU B 12 -13.73 13.70 7.76
N VAL B 13 -14.45 12.58 7.66
CA VAL B 13 -15.90 12.58 7.64
C VAL B 13 -16.41 11.48 8.55
N SER B 14 -17.66 11.64 8.99
CA SER B 14 -18.34 10.65 9.81
C SER B 14 -19.33 9.87 8.95
N ALA B 15 -19.53 8.60 9.32
CA ALA B 15 -20.45 7.75 8.58
C ALA B 15 -21.88 8.30 8.66
N GLY B 16 -22.56 8.32 7.53
CA GLY B 16 -23.89 8.87 7.44
C GLY B 16 -23.94 10.34 7.03
N GLU B 17 -22.82 11.03 7.04
CA GLU B 17 -22.76 12.42 6.60
C GLU B 17 -22.68 12.46 5.08
N ARG B 18 -22.40 13.63 4.52
CA ARG B 18 -22.27 13.80 3.08
C ARG B 18 -20.92 14.42 2.76
N VAL B 19 -20.17 13.78 1.87
CA VAL B 19 -18.88 14.26 1.42
C VAL B 19 -19.04 14.84 0.02
N THR B 20 -18.45 16.00 -0.22
CA THR B 20 -18.45 16.63 -1.53
C THR B 20 -17.02 16.95 -1.92
N ILE B 21 -16.56 16.35 -3.02
CA ILE B 21 -15.21 16.57 -3.54
C ILE B 21 -15.32 17.51 -4.74
N THR B 22 -14.50 18.54 -4.74
CA THR B 22 -14.56 19.59 -5.76
C THR B 22 -13.29 19.60 -6.58
N CYS B 23 -13.45 19.60 -7.91
CA CYS B 23 -12.34 19.69 -8.86
C CYS B 23 -12.58 20.89 -9.76
N LYS B 24 -11.62 21.81 -9.79
CA LYS B 24 -11.75 23.05 -10.54
C LYS B 24 -10.84 22.99 -11.76
N ALA B 25 -11.45 23.01 -12.95
CA ALA B 25 -10.70 23.05 -14.20
C ALA B 25 -10.20 24.46 -14.44
N SER B 26 -8.91 24.58 -14.78
CA SER B 26 -8.33 25.89 -15.03
C SER B 26 -8.99 26.57 -16.22
N GLN B 27 -9.33 25.78 -17.25
CA GLN B 27 -10.08 26.25 -18.39
C GLN B 27 -11.32 25.37 -18.57
N SER B 28 -12.21 25.78 -19.47
CA SER B 28 -13.47 25.09 -19.65
C SER B 28 -13.25 23.65 -20.09
N VAL B 29 -13.95 22.72 -19.44
CA VAL B 29 -13.84 21.31 -19.79
C VAL B 29 -15.22 20.72 -20.10
N SER B 30 -16.25 21.27 -19.45
CA SER B 30 -17.65 20.94 -19.76
C SER B 30 -17.89 19.45 -19.54
N ASN B 31 -18.24 18.67 -20.57
CA ASN B 31 -18.76 17.32 -20.37
C ASN B 31 -17.67 16.32 -20.01
N ASP B 32 -16.42 16.58 -20.41
CA ASP B 32 -15.35 15.59 -20.35
C ASP B 32 -14.64 15.63 -19.00
N VAL B 33 -15.38 15.25 -17.95
CA VAL B 33 -14.84 15.13 -16.61
C VAL B 33 -15.26 13.79 -16.02
N GLY B 34 -14.28 13.04 -15.52
CA GLY B 34 -14.54 11.74 -14.91
C GLY B 34 -14.00 11.67 -13.49
N TRP B 35 -14.67 10.86 -12.67
CA TRP B 35 -14.29 10.66 -11.28
C TRP B 35 -13.94 9.20 -11.04
N TYR B 36 -12.78 8.96 -10.43
CA TYR B 36 -12.26 7.62 -10.22
C TYR B 36 -12.11 7.33 -8.73
N GLN B 37 -12.28 6.05 -8.38
CA GLN B 37 -12.08 5.56 -7.03
C GLN B 37 -10.99 4.51 -7.02
N GLN B 38 -10.05 4.61 -6.08
CA GLN B 38 -8.92 3.69 -6.00
C GLN B 38 -8.80 3.16 -4.58
N LYS B 39 -9.28 1.93 -4.37
CA LYS B 39 -9.02 1.25 -3.11
C LYS B 39 -7.53 0.90 -3.01
N PRO B 40 -6.99 0.82 -1.80
CA PRO B 40 -5.55 0.54 -1.66
C PRO B 40 -5.15 -0.76 -2.33
N GLY B 41 -4.03 -0.73 -3.04
CA GLY B 41 -3.53 -1.90 -3.73
C GLY B 41 -4.30 -2.30 -4.97
N GLN B 42 -5.26 -1.50 -5.40
CA GLN B 42 -6.12 -1.81 -6.53
C GLN B 42 -5.98 -0.76 -7.62
N PRO B 43 -6.28 -1.13 -8.87
CA PRO B 43 -6.32 -0.12 -9.93
C PRO B 43 -7.48 0.84 -9.72
N PRO B 44 -7.37 2.07 -10.21
CA PRO B 44 -8.50 3.00 -10.12
C PRO B 44 -9.70 2.48 -10.90
N LYS B 45 -10.89 2.76 -10.37
CA LYS B 45 -12.14 2.34 -10.99
C LYS B 45 -12.99 3.57 -11.31
N LEU B 46 -13.55 3.59 -12.51
CA LEU B 46 -14.36 4.72 -12.95
C LEU B 46 -15.74 4.69 -12.29
N LEU B 47 -16.17 5.85 -11.82
CA LEU B 47 -17.47 5.98 -11.17
C LEU B 47 -18.41 6.94 -11.89
N ILE B 48 -17.89 7.97 -12.56
CA ILE B 48 -18.70 8.93 -13.31
C ILE B 48 -18.17 8.99 -14.73
N TYR B 49 -19.08 8.82 -15.70
CA TYR B 49 -18.70 8.79 -17.11
C TYR B 49 -18.36 10.18 -17.63
N ASN B 50 -19.33 11.10 -17.62
CA ASN B 50 -19.23 12.41 -18.24
C ASN B 50 -19.72 13.50 -17.30
N ALA B 51 -19.18 13.50 -16.09
CA ALA B 51 -19.36 14.43 -14.98
C ALA B 51 -20.74 14.32 -14.33
N SER B 52 -21.69 13.57 -14.89
CA SER B 52 -22.90 13.25 -14.14
C SER B 52 -23.44 11.85 -14.41
N ASN B 53 -22.78 11.03 -15.20
CA ASN B 53 -23.32 9.76 -15.68
C ASN B 53 -22.60 8.61 -14.99
N ARG B 54 -23.26 7.99 -14.00
CA ARG B 54 -22.68 6.84 -13.34
C ARG B 54 -22.55 5.68 -14.33
N LYS B 55 -21.43 4.96 -14.25
CA LYS B 55 -21.11 3.96 -15.25
C LYS B 55 -22.13 2.83 -15.25
N ASN B 56 -22.06 1.98 -14.22
CA ASN B 56 -23.04 0.96 -13.89
C ASN B 56 -22.56 0.25 -12.63
N GLY B 57 -23.45 -0.45 -11.93
CA GLY B 57 -23.05 -1.17 -10.74
C GLY B 57 -22.35 -0.29 -9.73
N VAL B 58 -22.80 0.96 -9.66
CA VAL B 58 -22.23 1.99 -8.80
C VAL B 58 -23.31 2.40 -7.82
N PRO B 59 -23.03 2.41 -6.53
CA PRO B 59 -24.04 2.85 -5.56
C PRO B 59 -24.57 4.24 -5.90
N ASP B 60 -25.90 4.36 -5.86
CA ASP B 60 -26.54 5.62 -6.19
C ASP B 60 -26.19 6.74 -5.22
N ARG B 61 -25.46 6.43 -4.15
CA ARG B 61 -24.95 7.46 -3.25
C ARG B 61 -23.80 8.24 -3.86
N PHE B 62 -23.20 7.74 -4.94
CA PHE B 62 -22.10 8.43 -5.63
C PHE B 62 -22.70 9.28 -6.74
N THR B 63 -22.64 10.60 -6.58
CA THR B 63 -23.20 11.53 -7.54
C THR B 63 -22.12 12.50 -8.02
N GLY B 64 -22.31 13.01 -9.23
CA GLY B 64 -21.42 14.03 -9.78
C GLY B 64 -22.16 15.09 -10.57
N SER B 65 -21.70 16.34 -10.49
CA SER B 65 -22.37 17.42 -11.21
C SER B 65 -21.38 18.56 -11.44
N GLY B 66 -21.72 19.41 -12.40
CA GLY B 66 -20.91 20.56 -12.73
C GLY B 66 -20.66 20.69 -14.22
N TYR B 67 -20.34 21.90 -14.67
CA TYR B 67 -20.09 22.14 -16.09
C TYR B 67 -19.13 23.31 -16.23
N GLY B 68 -18.23 23.21 -17.20
CA GLY B 68 -17.31 24.29 -17.47
C GLY B 68 -16.06 24.23 -16.62
N THR B 69 -16.04 25.01 -15.55
CA THR B 69 -14.92 25.06 -14.62
C THR B 69 -15.18 24.30 -13.33
N ASP B 70 -16.39 24.38 -12.79
CA ASP B 70 -16.71 23.81 -11.49
C ASP B 70 -17.32 22.42 -11.65
N PHE B 71 -16.76 21.45 -10.94
CA PHE B 71 -17.26 20.08 -10.97
C PHE B 71 -17.22 19.51 -9.55
N THR B 72 -18.21 18.67 -9.24
CA THR B 72 -18.42 18.21 -7.87
C THR B 72 -18.71 16.71 -7.85
N PHE B 73 -18.05 16.01 -6.94
CA PHE B 73 -18.33 14.61 -6.64
C PHE B 73 -18.88 14.52 -5.22
N THR B 74 -20.07 13.97 -5.08
CA THR B 74 -20.77 13.94 -3.80
C THR B 74 -21.12 12.51 -3.42
N ILE B 75 -20.84 12.14 -2.18
CA ILE B 75 -21.26 10.87 -1.59
C ILE B 75 -22.36 11.19 -0.59
N SER B 76 -23.58 10.71 -0.87
CA SER B 76 -24.73 11.10 -0.07
C SER B 76 -24.59 10.68 1.38
N THR B 77 -24.32 9.39 1.60
CA THR B 77 -24.13 8.85 2.95
C THR B 77 -22.83 8.06 2.97
N VAL B 78 -21.81 8.62 3.64
CA VAL B 78 -20.50 7.96 3.67
C VAL B 78 -20.62 6.61 4.34
N GLN B 79 -19.99 5.60 3.74
CA GLN B 79 -20.00 4.25 4.27
C GLN B 79 -18.58 3.72 4.36
N ALA B 80 -18.45 2.56 5.01
CA ALA B 80 -17.13 1.98 5.24
C ALA B 80 -16.44 1.56 3.95
N GLU B 81 -17.20 0.97 3.02
CA GLU B 81 -16.63 0.53 1.75
C GLU B 81 -16.24 1.69 0.85
N ASP B 82 -16.58 2.92 1.21
CA ASP B 82 -16.22 4.11 0.45
C ASP B 82 -14.83 4.63 0.81
N LEU B 83 -14.10 3.91 1.66
CA LEU B 83 -12.74 4.31 2.04
C LEU B 83 -11.79 4.07 0.88
N ALA B 84 -11.36 5.14 0.24
CA ALA B 84 -10.44 5.07 -0.89
C ALA B 84 -9.94 6.47 -1.20
N VAL B 85 -9.13 6.57 -2.25
CA VAL B 85 -8.65 7.85 -2.78
C VAL B 85 -9.38 8.11 -4.08
N TYR B 86 -9.92 9.32 -4.23
CA TYR B 86 -10.76 9.68 -5.36
C TYR B 86 -10.04 10.71 -6.22
N PHE B 87 -10.08 10.49 -7.54
CA PHE B 87 -9.39 11.34 -8.51
C PHE B 87 -10.36 11.86 -9.55
N CYS B 88 -10.26 13.15 -9.87
CA CYS B 88 -10.93 13.69 -11.03
C CYS B 88 -10.01 13.63 -12.24
N GLN B 89 -10.62 13.62 -13.43
CA GLN B 89 -9.87 13.53 -14.67
C GLN B 89 -10.54 14.39 -15.72
N GLN B 90 -9.72 15.03 -16.56
CA GLN B 90 -10.19 15.82 -17.70
C GLN B 90 -9.67 15.19 -18.98
N ASP B 91 -10.57 14.87 -19.90
CA ASP B 91 -10.19 14.39 -21.23
C ASP B 91 -10.66 15.35 -22.32
N HIS B 92 -10.89 16.62 -21.97
CA HIS B 92 -11.26 17.61 -22.98
C HIS B 92 -10.07 17.97 -23.85
N SER B 93 -8.94 18.28 -23.23
CA SER B 93 -7.70 18.64 -23.92
C SER B 93 -6.71 17.50 -23.76
N PHE B 94 -6.12 17.06 -24.87
CA PHE B 94 -5.40 15.80 -24.88
C PHE B 94 -4.23 15.71 -23.88
N PRO B 95 -3.62 16.83 -23.45
CA PRO B 95 -2.76 16.72 -22.27
C PRO B 95 -3.59 16.38 -21.04
N LEU B 96 -4.01 15.11 -20.96
CA LEU B 96 -4.95 14.70 -19.92
C LEU B 96 -4.35 14.91 -18.54
N LYS B 97 -5.14 15.47 -17.63
CA LYS B 97 -4.67 15.82 -16.30
C LYS B 97 -5.61 15.23 -15.26
N PHE B 98 -5.04 14.59 -14.25
CA PHE B 98 -5.78 14.12 -13.09
C PHE B 98 -5.72 15.15 -11.98
N GLY B 99 -6.63 15.01 -11.01
CA GLY B 99 -6.53 15.77 -9.78
C GLY B 99 -5.50 15.17 -8.84
N ALA B 100 -5.12 15.98 -7.84
CA ALA B 100 -4.17 15.51 -6.84
C ALA B 100 -4.73 14.37 -6.00
N GLY B 101 -6.04 14.25 -5.90
CA GLY B 101 -6.68 13.17 -5.18
C GLY B 101 -7.24 13.64 -3.85
N THR B 102 -8.22 12.88 -3.35
CA THR B 102 -8.83 13.13 -2.06
C THR B 102 -8.86 11.82 -1.28
N LYS B 103 -8.15 11.77 -0.16
CA LYS B 103 -8.13 10.59 0.71
C LYS B 103 -9.25 10.72 1.73
N LEU B 104 -10.24 9.84 1.63
CA LEU B 104 -11.38 9.85 2.52
C LEU B 104 -11.07 9.04 3.77
N GLU B 105 -11.33 9.62 4.93
CA GLU B 105 -11.08 8.96 6.22
C GLU B 105 -12.34 9.00 7.06
N LEU B 106 -12.72 7.84 7.60
CA LEU B 106 -13.92 7.74 8.41
C LEU B 106 -13.64 8.14 9.85
N LYS B 107 -14.58 8.87 10.45
CA LYS B 107 -14.49 9.24 11.85
C LYS B 107 -15.23 8.22 12.71
N ARG B 108 -14.67 7.95 13.88
CA ARG B 108 -15.27 7.00 14.80
C ARG B 108 -14.86 7.36 16.23
N ALA B 109 -15.44 6.66 17.20
CA ALA B 109 -15.11 6.89 18.59
C ALA B 109 -13.69 6.47 18.88
N ASP B 110 -13.10 7.11 19.89
CA ASP B 110 -11.73 6.78 20.29
C ASP B 110 -11.64 5.33 20.74
N ALA B 111 -10.59 4.65 20.26
CA ALA B 111 -10.35 3.26 20.62
C ALA B 111 -8.92 3.12 21.13
N ALA B 112 -8.77 2.46 22.28
CA ALA B 112 -7.44 2.25 22.83
C ALA B 112 -6.71 1.14 22.07
N PRO B 113 -5.40 1.28 21.87
CA PRO B 113 -4.65 0.22 21.19
C PRO B 113 -4.45 -0.99 22.09
N THR B 114 -4.29 -2.15 21.47
CA THR B 114 -3.90 -3.36 22.15
C THR B 114 -2.41 -3.58 21.88
N VAL B 115 -1.60 -3.37 22.91
CA VAL B 115 -0.15 -3.31 22.76
C VAL B 115 0.45 -4.68 23.05
N SER B 116 1.29 -5.16 22.13
CA SER B 116 2.02 -6.40 22.29
C SER B 116 3.50 -6.12 22.06
N ILE B 117 4.36 -6.74 22.86
CA ILE B 117 5.81 -6.60 22.74
C ILE B 117 6.41 -7.98 22.50
N PHE B 118 7.42 -8.02 21.63
CA PHE B 118 8.04 -9.28 21.24
C PHE B 118 9.55 -9.17 21.35
N PRO B 119 10.20 -10.09 22.06
CA PRO B 119 11.67 -10.09 22.12
C PRO B 119 12.25 -10.49 20.78
N PRO B 120 13.53 -10.19 20.54
CA PRO B 120 14.17 -10.63 19.30
C PRO B 120 14.14 -12.15 19.18
N SER B 121 13.98 -12.62 17.94
CA SER B 121 13.93 -14.05 17.69
C SER B 121 15.28 -14.69 17.96
N SER B 122 15.25 -16.00 18.26
CA SER B 122 16.47 -16.73 18.50
C SER B 122 17.35 -16.78 17.26
N GLU B 123 16.72 -16.94 16.08
CA GLU B 123 17.47 -17.00 14.84
C GLU B 123 18.20 -15.69 14.55
N GLN B 124 17.55 -14.56 14.81
CA GLN B 124 18.17 -13.26 14.52
C GLN B 124 19.37 -13.01 15.41
N LEU B 125 19.36 -13.54 16.63
CA LEU B 125 20.50 -13.34 17.52
C LEU B 125 21.77 -13.95 16.96
N THR B 126 21.65 -15.06 16.20
CA THR B 126 22.82 -15.61 15.52
C THR B 126 23.31 -14.69 14.41
N SER B 127 22.42 -13.88 13.84
CA SER B 127 22.80 -12.99 12.75
C SER B 127 23.68 -11.84 13.21
N GLY B 128 23.66 -11.49 14.49
CA GLY B 128 24.39 -10.36 15.00
C GLY B 128 23.57 -9.11 15.20
N GLY B 129 22.27 -9.15 14.91
CA GLY B 129 21.39 -8.04 15.16
C GLY B 129 20.23 -8.45 16.06
N ALA B 130 19.56 -7.49 16.68
CA ALA B 130 18.44 -7.77 17.57
C ALA B 130 17.38 -6.71 17.35
N SER B 131 16.20 -7.14 16.92
CA SER B 131 15.07 -6.24 16.67
C SER B 131 13.97 -6.53 17.67
N VAL B 132 13.61 -5.54 18.46
CA VAL B 132 12.48 -5.63 19.38
C VAL B 132 11.27 -4.98 18.71
N VAL B 133 10.18 -5.72 18.61
CA VAL B 133 9.00 -5.30 17.85
C VAL B 133 7.85 -5.08 18.81
N CYS B 134 7.16 -3.94 18.65
CA CYS B 134 5.98 -3.61 19.44
C CYS B 134 4.82 -3.34 18.51
N PHE B 135 3.71 -4.04 18.73
CA PHE B 135 2.51 -3.90 17.93
C PHE B 135 1.47 -3.09 18.69
N LEU B 136 0.90 -2.08 18.02
CA LEU B 136 -0.19 -1.28 18.54
C LEU B 136 -1.37 -1.44 17.59
N ASN B 137 -2.37 -2.21 18.00
CA ASN B 137 -3.43 -2.64 17.10
C ASN B 137 -4.78 -2.08 17.52
N ASN B 138 -5.60 -1.73 16.51
N ASN B 138 -5.59 -1.72 16.52
CA ASN B 138 -7.00 -1.35 16.71
CA ASN B 138 -6.99 -1.35 16.70
C ASN B 138 -7.13 -0.13 17.64
C ASN B 138 -7.14 -0.14 17.63
N PHE B 139 -6.61 1.00 17.18
CA PHE B 139 -6.70 2.25 17.91
C PHE B 139 -7.19 3.36 16.98
N TYR B 140 -7.81 4.38 17.58
CA TYR B 140 -8.27 5.58 16.91
C TYR B 140 -8.30 6.68 17.98
N PRO B 141 -7.87 7.91 17.67
CA PRO B 141 -7.42 8.42 16.36
C PRO B 141 -6.04 7.92 15.92
N LYS B 142 -5.65 8.22 14.69
CA LYS B 142 -4.43 7.67 14.12
C LYS B 142 -3.18 8.18 14.85
N ASP B 143 -3.16 9.46 15.23
CA ASP B 143 -1.99 10.03 15.85
C ASP B 143 -1.74 9.39 17.21
N ILE B 144 -0.54 8.85 17.40
CA ILE B 144 -0.18 8.16 18.63
C ILE B 144 1.34 8.21 18.74
N ASN B 145 1.86 8.03 19.96
CA ASN B 145 3.28 8.11 20.20
C ASN B 145 3.76 6.84 20.90
N VAL B 146 4.93 6.36 20.48
CA VAL B 146 5.56 5.17 21.04
C VAL B 146 6.92 5.55 21.60
N LYS B 147 7.16 5.20 22.86
CA LYS B 147 8.42 5.48 23.53
C LYS B 147 9.07 4.15 23.91
N TRP B 148 10.33 3.99 23.53
CA TRP B 148 11.11 2.80 23.86
C TRP B 148 12.02 3.09 25.03
N LYS B 149 11.95 2.26 26.06
CA LYS B 149 12.79 2.40 27.25
C LYS B 149 13.56 1.11 27.49
N ILE B 150 14.86 1.25 27.72
CA ILE B 150 15.75 0.13 27.97
C ILE B 150 16.34 0.32 29.37
N ASP B 151 15.97 -0.57 30.29
CA ASP B 151 16.37 -0.46 31.70
C ASP B 151 16.00 0.91 32.26
N GLY B 152 14.83 1.41 31.88
CA GLY B 152 14.33 2.69 32.34
C GLY B 152 14.82 3.89 31.57
N SER B 153 15.69 3.72 30.58
CA SER B 153 16.25 4.82 29.82
C SER B 153 15.57 4.91 28.46
N GLU B 154 15.07 6.09 28.13
CA GLU B 154 14.38 6.29 26.86
C GLU B 154 15.37 6.15 25.70
N ARG B 155 14.97 5.40 24.68
CA ARG B 155 15.79 5.17 23.49
C ARG B 155 15.07 5.76 22.29
N GLN B 156 15.76 6.64 21.56
CA GLN B 156 15.17 7.32 20.41
C GLN B 156 15.88 7.00 19.10
N ASN B 157 16.89 6.14 19.12
CA ASN B 157 17.66 5.80 17.93
C ASN B 157 17.42 4.34 17.57
N GLY B 158 17.36 4.06 16.27
CA GLY B 158 17.10 2.72 15.82
C GLY B 158 15.66 2.29 15.88
N VAL B 159 14.73 3.25 15.84
CA VAL B 159 13.30 2.98 15.96
C VAL B 159 12.65 3.27 14.62
N LEU B 160 11.92 2.28 14.08
CA LEU B 160 11.18 2.43 12.85
C LEU B 160 9.70 2.17 13.12
N ASN B 161 8.85 3.10 12.70
CA ASN B 161 7.41 3.01 12.92
C ASN B 161 6.70 2.94 11.59
N SER B 162 5.62 2.15 11.54
CA SER B 162 4.85 1.96 10.33
C SER B 162 3.37 1.87 10.67
N TRP B 163 2.56 2.72 10.04
CA TRP B 163 1.12 2.76 10.27
C TRP B 163 0.39 2.04 9.14
N THR B 164 -0.59 1.23 9.51
CA THR B 164 -1.47 0.63 8.51
C THR B 164 -2.48 1.66 8.02
N ASP B 165 -3.04 1.39 6.84
CA ASP B 165 -4.17 2.16 6.38
C ASP B 165 -5.40 1.83 7.21
N GLN B 166 -6.37 2.73 7.19
CA GLN B 166 -7.58 2.55 7.98
C GLN B 166 -8.31 1.29 7.54
N ASP B 167 -8.72 0.47 8.51
CA ASP B 167 -9.40 -0.78 8.23
C ASP B 167 -10.89 -0.50 8.01
N SER B 168 -11.41 -0.89 6.84
CA SER B 168 -12.79 -0.60 6.52
C SER B 168 -13.77 -1.31 7.46
N LYS B 169 -13.36 -2.45 8.03
CA LYS B 169 -14.26 -3.20 8.89
C LYS B 169 -14.61 -2.42 10.15
N ASP B 170 -13.63 -1.78 10.78
CA ASP B 170 -13.84 -1.09 12.05
C ASP B 170 -13.32 0.34 12.08
N SER B 171 -12.81 0.87 10.96
CA SER B 171 -12.36 2.26 10.86
C SER B 171 -11.24 2.58 11.84
N THR B 172 -10.39 1.59 12.14
N THR B 172 -10.39 1.61 12.13
CA THR B 172 -9.30 1.76 13.07
CA THR B 172 -9.29 1.78 13.07
C THR B 172 -7.96 1.74 12.33
C THR B 172 -7.96 1.69 12.35
N TYR B 173 -6.91 2.09 13.06
CA TYR B 173 -5.54 2.06 12.56
C TYR B 173 -4.70 1.13 13.42
N SER B 174 -3.64 0.59 12.82
CA SER B 174 -2.67 -0.22 13.54
C SER B 174 -1.27 0.27 13.19
N MET B 175 -0.38 0.18 14.17
CA MET B 175 0.99 0.67 14.00
C MET B 175 1.97 -0.35 14.58
N SER B 176 3.15 -0.43 13.97
CA SER B 176 4.22 -1.31 14.41
CA SER B 176 4.22 -1.31 14.41
C SER B 176 5.46 -0.48 14.68
N SER B 177 6.07 -0.70 15.84
CA SER B 177 7.29 -0.02 16.23
C SER B 177 8.39 -1.05 16.42
N THR B 178 9.51 -0.86 15.72
CA THR B 178 10.63 -1.79 15.77
C THR B 178 11.87 -1.07 16.25
N LEU B 179 12.45 -1.55 17.35
CA LEU B 179 13.71 -1.05 17.87
C LEU B 179 14.81 -2.03 17.47
N THR B 180 15.76 -1.56 16.68
CA THR B 180 16.84 -2.39 16.16
C THR B 180 18.15 -1.98 16.82
N LEU B 181 18.83 -2.95 17.45
CA LEU B 181 20.08 -2.71 18.13
C LEU B 181 21.05 -3.84 17.76
N THR B 182 22.31 -3.66 18.17
CA THR B 182 23.28 -4.74 18.02
C THR B 182 23.01 -5.85 19.03
N LYS B 183 23.47 -7.05 18.69
CA LYS B 183 23.29 -8.19 19.59
C LYS B 183 23.99 -7.97 20.92
N ASP B 184 25.20 -7.40 20.88
CA ASP B 184 25.93 -7.14 22.11
C ASP B 184 25.19 -6.15 23.00
N GLU B 185 24.63 -5.09 22.40
CA GLU B 185 23.88 -4.12 23.17
C GLU B 185 22.59 -4.73 23.74
N TYR B 186 21.92 -5.57 22.96
CA TYR B 186 20.72 -6.23 23.46
C TYR B 186 21.05 -7.15 24.63
N GLU B 187 22.12 -7.93 24.51
CA GLU B 187 22.51 -8.83 25.61
C GLU B 187 23.10 -8.08 26.79
N ARG B 188 23.46 -6.81 26.62
CA ARG B 188 23.96 -6.03 27.75
C ARG B 188 22.85 -5.74 28.76
N HIS B 189 21.67 -5.37 28.27
CA HIS B 189 20.56 -4.94 29.12
C HIS B 189 19.51 -6.04 29.20
N ASN B 190 18.60 -5.88 30.17
CA ASN B 190 17.61 -6.89 30.49
C ASN B 190 16.18 -6.42 30.27
N SER B 191 15.83 -5.24 30.76
CA SER B 191 14.45 -4.75 30.71
C SER B 191 14.25 -3.89 29.46
N TYR B 192 13.29 -4.27 28.63
CA TYR B 192 12.93 -3.52 27.43
C TYR B 192 11.44 -3.20 27.48
N THR B 193 11.11 -1.93 27.32
CA THR B 193 9.74 -1.45 27.55
C THR B 193 9.22 -0.72 26.31
N CYS B 194 7.98 -1.01 25.96
CA CYS B 194 7.25 -0.29 24.92
C CYS B 194 6.09 0.45 25.57
N GLU B 195 6.04 1.77 25.37
CA GLU B 195 5.02 2.62 25.96
C GLU B 195 4.22 3.29 24.87
N ALA B 196 2.89 3.28 25.01
CA ALA B 196 1.99 3.86 24.03
C ALA B 196 1.17 4.96 24.72
N THR B 197 1.35 6.20 24.26
CA THR B 197 0.59 7.34 24.76
C THR B 197 -0.40 7.77 23.69
N HIS B 198 -1.68 7.76 24.02
CA HIS B 198 -2.74 7.98 23.05
C HIS B 198 -3.76 8.94 23.63
N LYS B 199 -4.64 9.45 22.77
CA LYS B 199 -5.70 10.34 23.21
C LYS B 199 -6.70 9.64 24.12
N THR B 200 -6.74 8.30 24.10
CA THR B 200 -7.67 7.57 24.94
C THR B 200 -7.36 7.73 26.42
N SER B 201 -6.07 7.74 26.78
CA SER B 201 -5.66 7.78 28.17
C SER B 201 -4.45 8.69 28.33
N THR B 202 -4.47 9.51 29.39
CA THR B 202 -3.30 10.31 29.71
C THR B 202 -2.12 9.43 30.11
N SER B 203 -2.39 8.36 30.85
CA SER B 203 -1.34 7.43 31.22
C SER B 203 -0.92 6.58 30.02
N PRO B 204 0.35 6.20 29.94
CA PRO B 204 0.81 5.39 28.81
C PRO B 204 0.52 3.91 29.01
N ILE B 205 0.20 3.24 27.90
CA ILE B 205 0.01 1.79 27.91
C ILE B 205 1.37 1.13 27.75
N VAL B 206 1.74 0.29 28.72
CA VAL B 206 3.11 -0.19 28.86
C VAL B 206 3.13 -1.71 28.75
N LYS B 207 4.02 -2.22 27.90
CA LYS B 207 4.34 -3.64 27.82
C LYS B 207 5.85 -3.80 27.88
N SER B 208 6.32 -4.83 28.59
CA SER B 208 7.75 -5.01 28.81
C SER B 208 8.07 -6.50 28.88
N PHE B 209 9.36 -6.80 28.77
CA PHE B 209 9.86 -8.16 28.97
C PHE B 209 11.26 -8.09 29.56
N ASN B 210 11.69 -9.19 30.17
CA ASN B 210 13.00 -9.30 30.78
C ASN B 210 13.80 -10.38 30.07
N ARG B 211 15.06 -10.06 29.72
CA ARG B 211 15.87 -10.96 28.90
C ARG B 211 16.55 -12.05 29.71
N ASN B 212 16.77 -11.84 31.01
N ASN B 212 16.86 -11.80 30.98
CA ASN B 212 17.47 -12.82 31.83
CA ASN B 212 17.46 -12.83 31.82
C ASN B 212 16.58 -13.98 32.26
C ASN B 212 16.38 -13.75 32.41
N GLU B 213 15.46 -14.20 31.56
CA GLU B 213 14.44 -15.14 31.98
C GLU B 213 14.31 -16.35 31.06
N CYS B 214 14.89 -16.31 29.87
CA CYS B 214 14.70 -17.39 28.91
C CYS B 214 15.97 -17.67 28.13
#